data_4XFW
#
_entry.id   4XFW
#
_cell.length_a   44.906
_cell.length_b   95.905
_cell.length_c   53.318
_cell.angle_alpha   90.00
_cell.angle_beta   92.92
_cell.angle_gamma   90.00
#
_symmetry.space_group_name_H-M   'P 1 21 1'
#
loop_
_entity.id
_entity.type
_entity.pdbx_description
1 polymer 'Alpha-carbonic anhydrase'
2 non-polymer 'ZINC ION'
3 non-polymer 'CHLORIDE ION'
4 non-polymer 'SULFATE ION'
5 non-polymer 'ACETIC ACID'
6 water water
#
_entity_poly.entity_id   1
_entity_poly.type   'polypeptide(L)'
_entity_poly.pdbx_seq_one_letter_code
;KWDYKNKENGPHRWDKLHKDFEVCKSGKSQSPINIEHYYHTQDKADLQFKYAASKPKAVFFTHHTLKASFEPTNHINYRG
HDYVLDNVHFHAPMEFLINNKTRPLSAHFVHKDAKGRLLVLAIGFEEGKENPNLDPILEGIQKKQNFKEVALDAFLPKSI
NYYHFNGSLTAPPCTEGVAWFVVEEPLEVSAKQLAEIKKRMKNSPNQRPVQPDYNTVIIKRSAETR
;
_entity_poly.pdbx_strand_id   A,B
#
# COMPACT_ATOMS: atom_id res chain seq x y z
N LYS A 1 -24.29 -8.26 15.00
CA LYS A 1 -23.66 -6.94 15.00
C LYS A 1 -22.20 -7.07 15.36
N TRP A 2 -21.30 -6.63 14.48
CA TRP A 2 -19.88 -6.77 14.74
C TRP A 2 -19.46 -6.03 16.01
N ASP A 3 -18.49 -6.62 16.72
CA ASP A 3 -17.94 -5.98 17.91
C ASP A 3 -16.44 -6.30 18.09
N TYR A 4 -15.90 -5.95 19.25
CA TYR A 4 -14.47 -6.13 19.57
C TYR A 4 -14.31 -7.21 20.61
N LYS A 5 -15.41 -7.86 20.93
CA LYS A 5 -15.36 -9.00 21.83
C LYS A 5 -14.91 -10.18 20.99
N ASN A 6 -14.65 -11.33 21.59
CA ASN A 6 -14.18 -12.44 20.77
C ASN A 6 -15.07 -13.67 20.86
N LYS A 7 -16.38 -13.44 20.78
CA LYS A 7 -17.31 -14.50 20.40
C LYS A 7 -17.59 -14.40 18.89
N GLU A 8 -18.81 -14.74 18.48
CA GLU A 8 -19.12 -14.90 17.06
C GLU A 8 -19.17 -13.57 16.24
N ASN A 9 -18.88 -12.43 16.87
CA ASN A 9 -18.97 -11.14 16.18
C ASN A 9 -17.70 -10.31 16.15
N GLY A 10 -16.59 -10.83 16.67
CA GLY A 10 -15.38 -10.03 16.84
C GLY A 10 -14.44 -9.99 15.65
N PRO A 11 -13.29 -9.30 15.81
CA PRO A 11 -12.33 -9.00 14.73
C PRO A 11 -11.94 -10.17 13.84
N HIS A 12 -11.69 -11.34 14.44
CA HIS A 12 -11.29 -12.53 13.68
C HIS A 12 -12.39 -13.08 12.83
N ARG A 13 -13.61 -12.66 13.09
CA ARG A 13 -14.70 -13.15 12.29
C ARG A 13 -15.51 -12.07 11.60
N TRP A 14 -15.05 -10.81 11.66
CA TRP A 14 -15.78 -9.75 10.96
C TRP A 14 -16.13 -10.16 9.54
N ASP A 15 -15.18 -10.80 8.86
CA ASP A 15 -15.34 -11.16 7.46
C ASP A 15 -16.52 -12.11 7.19
N LYS A 16 -16.94 -12.87 8.21
CA LYS A 16 -17.97 -13.88 8.01
C LYS A 16 -19.39 -13.27 8.27
N LEU A 17 -19.47 -12.10 8.93
CA LEU A 17 -20.78 -11.53 9.29
C LEU A 17 -21.56 -11.00 8.10
N HIS A 18 -20.85 -10.60 7.04
CA HIS A 18 -21.51 -10.08 5.85
C HIS A 18 -20.50 -10.12 4.71
N LYS A 19 -20.95 -10.37 3.50
CA LYS A 19 -20.01 -10.47 2.39
C LYS A 19 -19.36 -9.11 2.14
N ASP A 20 -20.01 -8.04 2.58
CA ASP A 20 -19.43 -6.70 2.49
C ASP A 20 -18.18 -6.56 3.36
N PHE A 21 -17.97 -7.48 4.31
CA PHE A 21 -16.88 -7.38 5.27
C PHE A 21 -15.71 -8.32 4.92
N GLU A 22 -15.77 -8.98 3.77
CA GLU A 22 -14.80 -10.03 3.49
C GLU A 22 -13.34 -9.55 3.41
N VAL A 23 -13.13 -8.30 2.99
N VAL A 23 -13.13 -8.30 2.98
CA VAL A 23 -11.77 -7.78 2.87
CA VAL A 23 -11.77 -7.76 2.86
C VAL A 23 -11.14 -7.55 4.24
C VAL A 23 -11.13 -7.60 4.25
N CYS A 24 -11.94 -7.64 5.30
CA CYS A 24 -11.39 -7.59 6.65
C CYS A 24 -10.39 -8.72 6.84
N LYS A 25 -10.62 -9.83 6.15
CA LYS A 25 -9.69 -10.95 6.17
C LYS A 25 -8.82 -11.07 4.92
N SER A 26 -9.39 -10.85 3.75
CA SER A 26 -8.69 -11.12 2.48
C SER A 26 -7.72 -10.01 2.10
N GLY A 27 -7.90 -8.84 2.69
CA GLY A 27 -7.06 -7.70 2.37
C GLY A 27 -5.61 -7.91 2.75
N LYS A 28 -4.70 -7.31 2.00
CA LYS A 28 -3.28 -7.38 2.35
C LYS A 28 -2.71 -6.01 2.74
N SER A 29 -3.57 -5.03 2.97
CA SER A 29 -3.12 -3.74 3.49
C SER A 29 -4.07 -3.30 4.59
N GLN A 30 -4.31 -4.22 5.52
CA GLN A 30 -5.23 -3.95 6.62
C GLN A 30 -4.58 -3.13 7.75
N SER A 31 -5.40 -2.27 8.36
CA SER A 31 -4.95 -1.37 9.42
C SER A 31 -5.66 -1.75 10.72
N PRO A 32 -4.98 -1.54 11.86
CA PRO A 32 -3.70 -0.88 12.05
C PRO A 32 -2.49 -1.79 11.97
N ILE A 33 -1.32 -1.18 11.98
CA ILE A 33 -0.05 -1.87 12.08
C ILE A 33 0.87 -1.13 13.05
N ASN A 34 1.99 -1.75 13.38
CA ASN A 34 3.06 -1.07 14.06
C ASN A 34 3.91 -0.36 13.02
N ILE A 35 3.91 0.97 13.09
CA ILE A 35 4.72 1.81 12.22
C ILE A 35 6.15 1.85 12.74
N GLU A 36 7.07 1.12 12.09
CA GLU A 36 8.46 1.14 12.56
C GLU A 36 9.52 1.20 11.45
N HIS A 37 9.09 0.99 10.20
CA HIS A 37 10.00 1.14 9.08
C HIS A 37 9.44 2.24 8.17
N TYR A 38 10.15 3.35 8.04
CA TYR A 38 9.60 4.48 7.30
C TYR A 38 10.69 5.34 6.68
N TYR A 39 10.40 5.90 5.51
CA TYR A 39 11.39 6.67 4.79
C TYR A 39 11.18 8.15 5.05
N HIS A 40 12.22 8.80 5.54
CA HIS A 40 12.13 10.22 5.88
C HIS A 40 12.18 11.09 4.63
N THR A 41 11.22 12.00 4.49
CA THR A 41 11.24 12.96 3.39
C THR A 41 11.50 14.33 3.98
N GLN A 42 12.16 15.20 3.24
CA GLN A 42 12.65 16.44 3.83
C GLN A 42 11.81 17.65 3.44
N ASP A 43 11.12 17.59 2.31
CA ASP A 43 10.32 18.73 1.87
C ASP A 43 8.97 18.80 2.59
N LYS A 44 8.51 20.02 2.84
CA LYS A 44 7.21 20.25 3.45
C LYS A 44 6.09 19.87 2.47
N ALA A 45 5.10 19.12 2.96
CA ALA A 45 4.03 18.61 2.11
C ALA A 45 3.15 19.73 1.55
N ASP A 46 2.57 19.48 0.38
CA ASP A 46 1.62 20.41 -0.21
C ASP A 46 0.26 20.35 0.50
N LEU A 47 0.07 19.30 1.30
CA LEU A 47 -1.15 19.05 2.08
C LEU A 47 -1.77 20.32 2.66
N GLN A 48 -3.03 20.59 2.33
CA GLN A 48 -3.67 21.83 2.76
C GLN A 48 -4.93 21.56 3.55
N PHE A 49 -4.98 22.06 4.77
CA PHE A 49 -6.18 21.93 5.60
C PHE A 49 -7.18 23.06 5.36
N LYS A 50 -8.47 22.71 5.28
CA LYS A 50 -9.54 23.70 5.25
C LYS A 50 -10.53 23.33 6.34
N TYR A 51 -10.12 23.60 7.56
CA TYR A 51 -10.92 23.30 8.74
C TYR A 51 -11.40 24.60 9.36
N ALA A 52 -12.60 24.56 9.94
CA ALA A 52 -13.10 25.71 10.69
C ALA A 52 -13.97 25.21 11.81
N ALA A 53 -14.23 26.08 12.79
CA ALA A 53 -15.15 25.73 13.86
C ALA A 53 -16.49 25.29 13.26
N SER A 54 -16.97 24.12 13.68
CA SER A 54 -18.15 23.53 13.07
C SER A 54 -19.07 22.90 14.10
N LYS A 55 -20.36 23.21 14.03
CA LYS A 55 -21.33 22.53 14.88
C LYS A 55 -21.60 21.14 14.34
N PRO A 56 -21.41 20.11 15.17
CA PRO A 56 -21.72 18.76 14.72
C PRO A 56 -23.17 18.62 14.31
N LYS A 57 -23.40 17.82 13.28
CA LYS A 57 -24.73 17.31 12.95
C LYS A 57 -25.22 16.37 14.04
N ALA A 58 -24.29 15.66 14.66
CA ALA A 58 -24.62 14.70 15.70
C ALA A 58 -23.40 14.37 16.52
N VAL A 59 -23.60 14.17 17.83
CA VAL A 59 -22.57 13.67 18.71
C VAL A 59 -23.17 12.45 19.38
N PHE A 60 -22.66 11.27 19.07
CA PHE A 60 -23.40 10.05 19.37
C PHE A 60 -22.47 8.85 19.51
N PHE A 61 -22.99 7.84 20.19
CA PHE A 61 -22.31 6.56 20.33
C PHE A 61 -22.85 5.61 19.28
N THR A 62 -21.96 5.12 18.42
CA THR A 62 -22.33 4.27 17.30
C THR A 62 -21.16 3.36 17.00
N HIS A 63 -21.44 2.09 16.72
CA HIS A 63 -20.41 1.12 16.37
C HIS A 63 -19.19 1.20 17.29
N HIS A 64 -19.48 1.20 18.58
CA HIS A 64 -18.50 1.11 19.66
C HIS A 64 -17.63 2.35 19.86
N THR A 65 -17.91 3.42 19.12
CA THR A 65 -17.14 4.65 19.28
C THR A 65 -18.01 5.88 19.61
N LEU A 66 -17.37 6.87 20.21
CA LEU A 66 -17.92 8.22 20.34
C LEU A 66 -17.61 8.98 19.06
N LYS A 67 -18.65 9.40 18.34
CA LYS A 67 -18.50 10.03 17.03
C LYS A 67 -19.15 11.41 16.97
N ALA A 68 -18.45 12.37 16.37
CA ALA A 68 -19.03 13.66 16.04
C ALA A 68 -19.08 13.77 14.53
N SER A 69 -20.29 13.83 13.96
CA SER A 69 -20.42 13.95 12.50
C SER A 69 -20.65 15.42 12.12
N PHE A 70 -20.17 15.79 10.93
CA PHE A 70 -20.23 17.18 10.48
C PHE A 70 -20.93 17.35 9.13
N GLU A 71 -21.48 18.55 8.92
CA GLU A 71 -21.92 18.94 7.59
C GLU A 71 -20.70 19.02 6.70
N PRO A 72 -20.86 18.86 5.37
CA PRO A 72 -19.71 18.72 4.47
C PRO A 72 -19.02 20.04 4.11
N THR A 73 -18.51 20.75 5.11
CA THR A 73 -17.90 22.05 4.90
C THR A 73 -16.41 22.12 5.23
N ASN A 74 -15.86 21.03 5.76
CA ASN A 74 -14.44 20.98 6.07
C ASN A 74 -13.74 20.00 5.16
N HIS A 75 -12.51 20.31 4.75
CA HIS A 75 -11.76 19.35 3.95
C HIS A 75 -10.26 19.39 4.15
N ILE A 76 -9.62 18.32 3.69
CA ILE A 76 -8.18 18.31 3.47
C ILE A 76 -7.97 18.22 1.98
N ASN A 77 -7.14 19.10 1.42
CA ASN A 77 -6.75 18.99 0.01
C ASN A 77 -5.43 18.23 -0.12
N TYR A 78 -5.47 17.11 -0.84
CA TYR A 78 -4.33 16.22 -1.01
C TYR A 78 -4.21 15.84 -2.48
N ARG A 79 -3.04 16.08 -3.07
CA ARG A 79 -2.83 15.88 -4.52
C ARG A 79 -3.90 16.56 -5.35
N GLY A 80 -4.27 17.76 -4.94
CA GLY A 80 -5.21 18.58 -5.69
C GLY A 80 -6.68 18.18 -5.60
N HIS A 81 -7.00 17.21 -4.76
CA HIS A 81 -8.40 16.82 -4.52
C HIS A 81 -8.84 17.20 -3.11
N ASP A 82 -10.09 17.70 -3.00
CA ASP A 82 -10.67 17.98 -1.69
C ASP A 82 -11.32 16.74 -1.06
N TYR A 83 -10.84 16.36 0.12
CA TYR A 83 -11.38 15.22 0.85
C TYR A 83 -12.23 15.79 1.97
N VAL A 84 -13.56 15.59 1.89
CA VAL A 84 -14.46 16.26 2.82
C VAL A 84 -14.53 15.47 4.13
N LEU A 85 -14.40 16.19 5.23
CA LEU A 85 -14.46 15.57 6.55
C LEU A 85 -15.89 15.12 6.87
N ASP A 86 -16.07 13.82 7.07
CA ASP A 86 -17.35 13.28 7.48
C ASP A 86 -17.52 13.30 9.00
N ASN A 87 -16.52 12.80 9.73
CA ASN A 87 -16.65 12.70 11.18
C ASN A 87 -15.29 12.63 11.88
N VAL A 88 -15.31 12.91 13.17
CA VAL A 88 -14.20 12.62 14.07
C VAL A 88 -14.72 11.59 15.06
N HIS A 89 -13.99 10.49 15.28
CA HIS A 89 -14.39 9.54 16.31
C HIS A 89 -13.17 9.01 17.05
N PHE A 90 -13.39 8.24 18.11
CA PHE A 90 -12.31 7.90 19.02
C PHE A 90 -12.07 6.41 19.17
N HIS A 91 -10.82 6.07 19.44
CA HIS A 91 -10.42 4.69 19.74
C HIS A 91 -9.60 4.69 21.01
N ALA A 92 -9.91 3.74 21.89
CA ALA A 92 -9.16 3.50 23.11
C ALA A 92 -8.89 2.00 23.23
N PRO A 93 -7.61 1.62 23.33
CA PRO A 93 -6.43 2.48 23.15
C PRO A 93 -6.29 2.90 21.69
N MET A 94 -5.31 3.75 21.40
CA MET A 94 -4.98 4.10 20.02
C MET A 94 -4.67 2.83 19.22
N GLU A 95 -5.05 2.80 17.96
CA GLU A 95 -4.94 1.58 17.17
C GLU A 95 -3.58 1.42 16.49
N PHE A 96 -3.09 2.47 15.85
CA PHE A 96 -1.75 2.39 15.28
C PHE A 96 -0.72 2.44 16.41
N LEU A 97 0.33 1.67 16.25
CA LEU A 97 1.47 1.77 17.15
C LEU A 97 2.58 2.46 16.38
N ILE A 98 3.42 3.19 17.08
CA ILE A 98 4.56 3.83 16.45
C ILE A 98 5.81 3.37 17.17
N ASN A 99 6.64 2.60 16.48
CA ASN A 99 7.83 1.99 17.10
C ASN A 99 7.45 1.29 18.40
N ASN A 100 6.36 0.53 18.31
CA ASN A 100 5.82 -0.33 19.36
C ASN A 100 5.26 0.40 20.55
N LYS A 101 5.15 1.72 20.46
CA LYS A 101 4.59 2.45 21.58
C LYS A 101 3.11 2.74 21.34
N THR A 102 2.34 2.61 22.42
CA THR A 102 0.90 2.77 22.38
C THR A 102 0.53 4.10 23.01
N ARG A 103 -0.69 4.55 22.72
CA ARG A 103 -1.27 5.70 23.41
C ARG A 103 -2.64 5.27 23.93
N PRO A 104 -3.12 5.89 25.01
CA PRO A 104 -4.38 5.42 25.59
C PRO A 104 -5.61 5.85 24.80
N LEU A 105 -5.43 6.75 23.84
CA LEU A 105 -6.55 7.27 23.08
C LEU A 105 -6.10 7.82 21.73
N SER A 106 -6.93 7.67 20.70
CA SER A 106 -6.71 8.41 19.46
C SER A 106 -8.02 8.90 18.87
N ALA A 107 -7.91 9.89 18.01
CA ALA A 107 -9.01 10.34 17.18
C ALA A 107 -8.73 10.03 15.71
N HIS A 108 -9.78 9.66 14.99
CA HIS A 108 -9.71 9.49 13.54
C HIS A 108 -10.55 10.56 12.87
N PHE A 109 -9.93 11.29 11.95
CA PHE A 109 -10.63 12.29 11.16
C PHE A 109 -10.86 11.67 9.81
N VAL A 110 -12.11 11.29 9.55
CA VAL A 110 -12.45 10.46 8.40
C VAL A 110 -12.93 11.31 7.22
N HIS A 111 -12.28 11.17 6.06
CA HIS A 111 -12.60 12.01 4.88
C HIS A 111 -12.87 11.18 3.63
N LYS A 112 -13.60 11.76 2.67
CA LYS A 112 -13.84 11.13 1.36
C LYS A 112 -13.87 12.21 0.25
N ASP A 113 -13.21 11.98 -0.88
CA ASP A 113 -13.33 12.98 -1.95
C ASP A 113 -14.54 12.67 -2.81
N ALA A 114 -14.78 13.50 -3.82
CA ALA A 114 -15.98 13.34 -4.66
C ALA A 114 -15.91 12.07 -5.48
N LYS A 115 -14.70 11.64 -5.83
CA LYS A 115 -14.50 10.43 -6.62
C LYS A 115 -14.60 9.18 -5.73
N GLY A 116 -14.82 9.40 -4.43
CA GLY A 116 -15.10 8.33 -3.49
C GLY A 116 -13.91 7.78 -2.72
N ARG A 117 -12.77 8.43 -2.84
CA ARG A 117 -11.56 7.89 -2.22
C ARG A 117 -11.38 8.36 -0.79
N LEU A 118 -10.83 7.46 0.04
CA LEU A 118 -10.78 7.67 1.48
C LEU A 118 -9.45 8.25 1.96
N LEU A 119 -9.55 9.15 2.93
CA LEU A 119 -8.37 9.72 3.57
C LEU A 119 -8.69 9.82 5.06
N VAL A 120 -7.87 9.19 5.90
CA VAL A 120 -8.09 9.26 7.35
C VAL A 120 -6.82 9.79 8.02
N LEU A 121 -7.01 10.75 8.91
CA LEU A 121 -5.94 11.26 9.75
C LEU A 121 -6.13 10.72 11.17
N ALA A 122 -5.07 10.14 11.73
CA ALA A 122 -5.11 9.63 13.10
C ALA A 122 -4.17 10.48 13.93
N ILE A 123 -4.60 10.79 15.14
CA ILE A 123 -3.72 11.47 16.08
C ILE A 123 -3.99 10.93 17.48
N GLY A 124 -2.90 10.65 18.18
CA GLY A 124 -2.99 10.08 19.50
C GLY A 124 -3.05 11.15 20.57
N PHE A 125 -3.46 10.72 21.77
CA PHE A 125 -3.44 11.58 22.94
C PHE A 125 -2.59 10.94 24.02
N GLU A 126 -1.88 11.77 24.77
CA GLU A 126 -1.23 11.28 25.98
C GLU A 126 -1.74 12.07 27.18
N GLU A 127 -1.79 11.41 28.34
CA GLU A 127 -2.36 12.05 29.53
C GLU A 127 -1.46 13.21 29.95
N GLY A 128 -2.09 14.36 30.19
CA GLY A 128 -1.38 15.57 30.53
C GLY A 128 -2.37 16.68 30.76
N LYS A 129 -2.20 17.77 30.03
CA LYS A 129 -3.03 18.95 30.23
C LYS A 129 -4.46 18.72 29.75
N GLU A 130 -5.42 19.32 30.45
CA GLU A 130 -6.81 19.42 29.97
C GLU A 130 -6.86 20.02 28.57
N ASN A 131 -7.53 19.32 27.65
CA ASN A 131 -7.66 19.77 26.26
C ASN A 131 -9.01 20.42 26.02
N PRO A 132 -9.04 21.75 25.91
CA PRO A 132 -10.32 22.43 25.72
C PRO A 132 -11.04 22.04 24.42
N ASN A 133 -10.29 21.55 23.44
CA ASN A 133 -10.91 21.19 22.17
C ASN A 133 -11.81 19.97 22.28
N LEU A 134 -11.61 19.17 23.34
CA LEU A 134 -12.44 17.99 23.56
C LEU A 134 -13.75 18.33 24.23
N ASP A 135 -13.80 19.48 24.90
CA ASP A 135 -14.95 19.80 25.74
C ASP A 135 -16.32 19.86 25.01
N PRO A 136 -16.39 20.43 23.80
CA PRO A 136 -17.71 20.42 23.13
C PRO A 136 -18.16 19.01 22.74
N ILE A 137 -17.23 18.09 22.55
CA ILE A 137 -17.59 16.70 22.30
C ILE A 137 -18.03 15.99 23.60
N LEU A 138 -17.29 16.22 24.67
CA LEU A 138 -17.62 15.64 25.96
C LEU A 138 -18.97 16.20 26.46
N GLU A 139 -19.22 17.47 26.20
CA GLU A 139 -20.53 18.03 26.56
C GLU A 139 -21.60 17.53 25.60
N GLY A 140 -21.24 17.48 24.32
CA GLY A 140 -22.22 17.16 23.30
C GLY A 140 -22.82 15.77 23.42
N ILE A 141 -22.01 14.78 23.83
CA ILE A 141 -22.50 13.42 23.96
C ILE A 141 -23.49 13.30 25.12
N GLN A 142 -23.54 14.32 25.97
CA GLN A 142 -24.47 14.39 27.09
C GLN A 142 -25.70 15.24 26.79
N LYS A 143 -25.77 15.77 25.58
CA LYS A 143 -26.82 16.69 25.16
C LYS A 143 -27.75 16.01 24.16
N LYS A 144 -29.03 16.39 24.22
CA LYS A 144 -30.02 15.95 23.26
C LYS A 144 -29.70 16.39 21.84
N GLN A 145 -29.51 17.70 21.66
CA GLN A 145 -29.13 18.28 20.38
C GLN A 145 -28.53 19.66 20.60
N ASN A 146 -28.59 20.54 19.62
CA ASN A 146 -28.02 21.88 19.73
C ASN A 146 -26.55 21.88 20.16
N PHE A 147 -25.76 21.06 19.49
CA PHE A 147 -24.36 20.85 19.82
C PHE A 147 -23.53 22.10 19.53
N LYS A 148 -22.59 22.40 20.43
CA LYS A 148 -21.71 23.56 20.29
C LYS A 148 -20.59 23.27 19.29
N GLU A 149 -20.01 24.34 18.76
CA GLU A 149 -18.92 24.25 17.78
C GLU A 149 -17.75 23.40 18.25
N VAL A 150 -17.26 22.53 17.38
CA VAL A 150 -16.01 21.84 17.60
C VAL A 150 -14.93 22.64 16.88
N ALA A 151 -13.87 23.00 17.60
CA ALA A 151 -12.81 23.84 17.03
C ALA A 151 -11.85 22.98 16.19
N LEU A 152 -12.31 22.54 15.03
CA LEU A 152 -11.53 21.64 14.19
C LEU A 152 -10.20 22.30 13.78
N ASP A 153 -10.23 23.62 13.64
CA ASP A 153 -9.06 24.42 13.29
C ASP A 153 -7.98 24.46 14.38
N ALA A 154 -8.36 24.25 15.63
CA ALA A 154 -7.43 24.37 16.76
C ALA A 154 -6.95 23.02 17.22
N PHE A 155 -7.62 21.99 16.75
CA PHE A 155 -7.43 20.67 17.27
C PHE A 155 -5.99 20.19 17.05
N LEU A 156 -5.45 20.45 15.86
CA LEU A 156 -4.08 20.03 15.55
C LEU A 156 -3.06 21.17 15.69
N PRO A 157 -1.79 20.81 15.95
CA PRO A 157 -0.71 21.80 15.96
C PRO A 157 -0.50 22.44 14.59
N LYS A 158 0.10 23.62 14.58
CA LYS A 158 0.33 24.30 13.33
C LYS A 158 1.31 23.53 12.45
N SER A 159 2.33 22.95 13.08
CA SER A 159 3.29 22.10 12.40
C SER A 159 3.10 20.68 12.84
N ILE A 160 3.00 19.77 11.88
CA ILE A 160 2.92 18.36 12.23
C ILE A 160 3.93 17.53 11.45
N ASN A 161 4.29 16.41 12.03
CA ASN A 161 5.02 15.36 11.35
C ASN A 161 4.15 14.14 11.33
N TYR A 162 4.07 13.45 10.20
CA TYR A 162 3.18 12.31 10.13
C TYR A 162 3.76 11.17 9.33
N TYR A 163 3.18 9.99 9.55
CA TYR A 163 3.48 8.78 8.78
C TYR A 163 2.37 8.58 7.76
N HIS A 164 2.76 8.38 6.51
CA HIS A 164 1.81 8.37 5.40
C HIS A 164 2.02 7.10 4.56
N PHE A 165 0.92 6.43 4.26
CA PHE A 165 0.94 5.11 3.66
C PHE A 165 -0.47 4.71 3.28
N ASN A 166 -0.58 3.64 2.51
CA ASN A 166 -1.89 3.10 2.11
C ASN A 166 -2.31 1.98 3.04
N GLY A 167 -3.55 2.04 3.50
CA GLY A 167 -4.07 1.03 4.42
C GLY A 167 -5.56 0.84 4.24
N SER A 168 -6.22 0.57 5.36
CA SER A 168 -7.65 0.26 5.35
C SER A 168 -8.38 0.96 6.48
N LEU A 169 -9.70 0.94 6.39
CA LEU A 169 -10.51 1.27 7.56
C LEU A 169 -10.23 0.26 8.66
N THR A 170 -10.26 0.70 9.92
CA THR A 170 -9.95 -0.20 11.04
C THR A 170 -11.18 -0.87 11.63
N ALA A 171 -12.33 -0.62 11.05
CA ALA A 171 -13.57 -1.30 11.45
C ALA A 171 -14.29 -1.78 10.21
N PRO A 172 -15.19 -2.77 10.35
CA PRO A 172 -15.94 -3.19 9.15
C PRO A 172 -16.62 -2.00 8.48
N PRO A 173 -16.64 -1.97 7.14
CA PRO A 173 -16.24 -3.04 6.19
C PRO A 173 -14.73 -3.18 5.88
N CYS A 174 -13.86 -2.50 6.62
CA CYS A 174 -12.38 -2.63 6.45
C CYS A 174 -11.90 -2.24 5.05
N THR A 175 -12.60 -1.33 4.40
CA THR A 175 -12.32 -0.94 3.02
C THR A 175 -10.88 -0.50 2.88
N GLU A 176 -10.21 -1.00 1.84
CA GLU A 176 -8.82 -0.58 1.59
C GLU A 176 -8.82 0.63 0.66
N GLY A 177 -7.64 1.03 0.20
CA GLY A 177 -7.53 2.25 -0.59
C GLY A 177 -7.52 3.49 0.29
N VAL A 178 -7.25 3.32 1.58
CA VAL A 178 -7.23 4.46 2.50
C VAL A 178 -5.85 5.13 2.51
N ALA A 179 -5.85 6.42 2.24
CA ALA A 179 -4.65 7.23 2.42
C ALA A 179 -4.57 7.62 3.89
N TRP A 180 -3.62 7.03 4.61
CA TRP A 180 -3.47 7.26 6.04
C TRP A 180 -2.47 8.35 6.33
N PHE A 181 -2.79 9.18 7.32
CA PHE A 181 -1.90 10.19 7.84
C PHE A 181 -1.91 10.02 9.34
N VAL A 182 -0.84 9.45 9.90
CA VAL A 182 -0.79 9.20 11.34
C VAL A 182 0.18 10.19 11.96
N VAL A 183 -0.34 11.07 12.81
CA VAL A 183 0.45 12.19 13.32
C VAL A 183 1.37 11.69 14.43
N GLU A 184 2.61 12.16 14.39
CA GLU A 184 3.65 11.68 15.31
C GLU A 184 3.45 12.15 16.74
N GLU A 185 3.34 13.46 16.90
CA GLU A 185 3.25 14.02 18.24
C GLU A 185 1.83 13.89 18.76
N PRO A 186 1.68 13.34 19.99
CA PRO A 186 0.38 13.22 20.64
C PRO A 186 -0.15 14.56 21.12
N LEU A 187 -1.46 14.71 21.07
CA LEU A 187 -2.15 15.81 21.75
C LEU A 187 -2.23 15.47 23.22
N GLU A 188 -2.62 16.44 24.03
CA GLU A 188 -2.82 16.17 25.44
C GLU A 188 -4.29 15.94 25.75
N VAL A 189 -4.53 15.19 26.83
CA VAL A 189 -5.85 14.95 27.38
C VAL A 189 -5.64 14.81 28.89
N SER A 190 -6.55 15.35 29.70
CA SER A 190 -6.38 15.18 31.14
C SER A 190 -6.79 13.76 31.55
N ALA A 191 -6.34 13.32 32.71
CA ALA A 191 -6.76 12.02 33.21
C ALA A 191 -8.29 11.99 33.33
N LYS A 192 -8.88 13.08 33.79
CA LYS A 192 -10.34 13.12 33.93
C LYS A 192 -11.05 13.01 32.59
N GLN A 193 -10.58 13.77 31.59
CA GLN A 193 -11.18 13.69 30.26
C GLN A 193 -11.03 12.30 29.65
N LEU A 194 -9.86 11.69 29.87
CA LEU A 194 -9.59 10.36 29.34
C LEU A 194 -10.54 9.32 29.93
N ALA A 195 -10.69 9.37 31.25
CA ALA A 195 -11.63 8.46 31.91
C ALA A 195 -13.06 8.69 31.41
N GLU A 196 -13.43 9.95 31.24
CA GLU A 196 -14.77 10.29 30.79
C GLU A 196 -15.04 9.77 29.38
N ILE A 197 -14.12 9.99 28.45
CA ILE A 197 -14.35 9.53 27.09
C ILE A 197 -14.44 8.01 27.03
N LYS A 198 -13.64 7.34 27.86
CA LYS A 198 -13.65 5.89 27.87
C LYS A 198 -14.97 5.38 28.43
N LYS A 199 -15.49 6.08 29.44
CA LYS A 199 -16.82 5.77 29.96
C LYS A 199 -17.92 5.97 28.93
N ARG A 200 -17.80 7.01 28.11
CA ARG A 200 -18.80 7.22 27.05
C ARG A 200 -18.73 6.14 25.96
N MET A 201 -17.61 5.44 25.87
CA MET A 201 -17.50 4.29 24.97
C MET A 201 -17.65 2.99 25.77
N LYS A 202 -18.42 3.08 26.86
CA LYS A 202 -18.88 1.92 27.65
C LYS A 202 -17.74 1.18 28.36
N ASN A 203 -16.62 1.87 28.58
CA ASN A 203 -15.45 1.28 29.22
C ASN A 203 -15.08 -0.05 28.57
N SER A 204 -15.21 -0.07 27.25
CA SER A 204 -15.04 -1.28 26.46
C SER A 204 -14.10 -0.95 25.31
N PRO A 205 -12.86 -1.45 25.36
CA PRO A 205 -11.86 -1.08 24.34
C PRO A 205 -12.39 -1.30 22.93
N ASN A 206 -12.13 -0.33 22.04
CA ASN A 206 -12.57 -0.47 20.67
C ASN A 206 -11.37 -0.30 19.75
N GLN A 207 -10.36 -1.11 20.02
CA GLN A 207 -9.10 -1.12 19.30
C GLN A 207 -8.94 -2.40 18.46
N ARG A 208 -8.92 -2.27 17.13
CA ARG A 208 -8.64 -3.43 16.32
C ARG A 208 -7.20 -3.87 16.57
N PRO A 209 -6.97 -5.18 16.70
CA PRO A 209 -5.59 -5.64 16.88
C PRO A 209 -4.75 -5.36 15.62
N VAL A 210 -3.44 -5.32 15.78
N VAL A 210 -3.44 -5.32 15.78
CA VAL A 210 -2.56 -5.10 14.65
CA VAL A 210 -2.51 -5.11 14.68
C VAL A 210 -2.75 -6.22 13.65
C VAL A 210 -2.71 -6.23 13.65
N GLN A 211 -2.70 -5.85 12.38
CA GLN A 211 -2.94 -6.76 11.29
C GLN A 211 -1.63 -7.15 10.62
N PRO A 212 -1.64 -8.25 9.84
CA PRO A 212 -0.41 -8.61 9.13
C PRO A 212 0.07 -7.48 8.23
N ASP A 213 1.37 -7.19 8.27
CA ASP A 213 1.98 -6.13 7.49
C ASP A 213 2.76 -6.72 6.32
N TYR A 214 2.26 -6.50 5.12
CA TYR A 214 2.90 -7.03 3.93
C TYR A 214 3.85 -5.96 3.38
N ASN A 215 4.86 -5.63 4.17
CA ASN A 215 5.87 -4.62 3.80
C ASN A 215 5.28 -3.28 3.40
N THR A 216 4.35 -2.77 4.20
CA THR A 216 3.75 -1.47 3.90
C THR A 216 4.83 -0.42 3.74
N VAL A 217 4.77 0.31 2.63
CA VAL A 217 5.69 1.40 2.36
C VAL A 217 5.18 2.67 3.01
N ILE A 218 5.99 3.20 3.94
CA ILE A 218 5.58 4.33 4.76
C ILE A 218 6.58 5.45 4.61
N ILE A 219 6.09 6.68 4.38
CA ILE A 219 6.98 7.85 4.44
C ILE A 219 6.70 8.69 5.69
N LYS A 220 7.75 9.35 6.20
CA LYS A 220 7.57 10.31 7.28
C LYS A 220 7.72 11.70 6.67
N ARG A 221 6.80 12.59 6.99
CA ARG A 221 6.72 13.87 6.30
C ARG A 221 6.24 14.95 7.22
N SER A 222 6.59 16.19 6.90
CA SER A 222 6.13 17.35 7.64
C SER A 222 5.08 18.11 6.83
N ALA A 223 4.16 18.73 7.55
CA ALA A 223 3.17 19.59 6.93
C ALA A 223 2.81 20.72 7.89
N GLU A 224 2.18 21.75 7.35
CA GLU A 224 1.58 22.78 8.20
C GLU A 224 0.08 22.73 8.03
N THR A 225 -0.63 22.97 9.13
CA THR A 225 -2.08 22.88 9.13
C THR A 225 -2.72 24.22 8.83
N ARG A 226 -1.88 25.25 8.71
CA ARG A 226 -2.27 26.57 8.25
C ARG A 226 -1.04 27.41 7.94
N LYS B 1 -9.95 -19.32 -19.33
CA LYS B 1 -8.56 -19.26 -19.78
C LYS B 1 -8.10 -17.82 -20.01
N TRP B 2 -7.59 -17.17 -18.96
CA TRP B 2 -7.33 -15.73 -19.03
C TRP B 2 -6.28 -15.35 -20.06
N ASP B 3 -6.46 -14.22 -20.73
CA ASP B 3 -5.45 -13.71 -21.65
C ASP B 3 -5.47 -12.18 -21.68
N TYR B 4 -4.77 -11.59 -22.65
CA TYR B 4 -4.62 -10.14 -22.69
C TYR B 4 -5.44 -9.49 -23.80
N LYS B 5 -6.30 -10.29 -24.42
CA LYS B 5 -7.13 -9.82 -25.51
C LYS B 5 -8.36 -9.09 -24.98
N ASN B 6 -9.19 -8.56 -25.87
CA ASN B 6 -10.39 -7.85 -25.43
C ASN B 6 -11.67 -8.62 -25.70
N LYS B 7 -11.66 -9.91 -25.37
CA LYS B 7 -12.86 -10.73 -25.45
C LYS B 7 -13.24 -11.24 -24.08
N GLU B 8 -13.84 -12.43 -24.05
CA GLU B 8 -14.40 -13.02 -22.84
C GLU B 8 -13.36 -13.25 -21.74
N ASN B 9 -12.11 -13.43 -22.13
CA ASN B 9 -11.08 -13.81 -21.16
C ASN B 9 -10.04 -12.72 -20.88
N GLY B 10 -10.32 -11.51 -21.35
CA GLY B 10 -9.38 -10.40 -21.23
C GLY B 10 -9.32 -9.74 -19.86
N PRO B 11 -8.35 -8.85 -19.67
CA PRO B 11 -8.07 -8.23 -18.36
C PRO B 11 -9.28 -7.54 -17.74
N HIS B 12 -10.14 -6.96 -18.58
CA HIS B 12 -11.36 -6.32 -18.10
C HIS B 12 -12.32 -7.32 -17.46
N ARG B 13 -12.14 -8.60 -17.74
CA ARG B 13 -13.02 -9.65 -17.21
C ARG B 13 -12.34 -10.74 -16.39
N TRP B 14 -11.05 -10.57 -16.09
CA TRP B 14 -10.33 -11.60 -15.33
C TRP B 14 -11.06 -11.99 -14.05
N ASP B 15 -11.68 -11.00 -13.41
CA ASP B 15 -12.39 -11.20 -12.15
C ASP B 15 -13.56 -12.17 -12.27
N LYS B 16 -14.08 -12.32 -13.48
CA LYS B 16 -15.25 -13.16 -13.71
C LYS B 16 -14.86 -14.62 -14.00
N LEU B 17 -13.58 -14.86 -14.25
CA LEU B 17 -13.14 -16.15 -14.77
C LEU B 17 -12.94 -17.18 -13.67
N HIS B 18 -12.68 -16.68 -12.47
CA HIS B 18 -12.58 -17.51 -11.29
C HIS B 18 -12.71 -16.65 -10.04
N LYS B 19 -13.33 -17.21 -9.01
CA LYS B 19 -13.51 -16.51 -7.76
C LYS B 19 -12.18 -16.00 -7.18
N ASP B 20 -11.12 -16.77 -7.38
CA ASP B 20 -9.80 -16.38 -6.88
C ASP B 20 -9.32 -15.08 -7.54
N PHE B 21 -9.88 -14.75 -8.69
CA PHE B 21 -9.41 -13.60 -9.47
C PHE B 21 -10.21 -12.33 -9.19
N GLU B 22 -11.11 -12.39 -8.21
CA GLU B 22 -12.02 -11.27 -8.00
C GLU B 22 -11.26 -10.00 -7.58
N VAL B 23 -10.16 -10.18 -6.86
CA VAL B 23 -9.35 -9.03 -6.46
C VAL B 23 -8.76 -8.29 -7.66
N CYS B 24 -8.70 -8.92 -8.85
CA CYS B 24 -8.20 -8.24 -10.04
C CYS B 24 -9.04 -6.99 -10.28
N LYS B 25 -10.32 -7.06 -9.93
CA LYS B 25 -11.19 -5.90 -10.05
C LYS B 25 -11.42 -5.20 -8.70
N SER B 26 -11.63 -5.97 -7.63
CA SER B 26 -12.05 -5.40 -6.36
C SER B 26 -10.90 -4.82 -5.54
N GLY B 27 -9.66 -5.18 -5.87
CA GLY B 27 -8.52 -4.71 -5.10
C GLY B 27 -8.31 -3.22 -5.18
N LYS B 28 -7.69 -2.63 -4.14
CA LYS B 28 -7.39 -1.19 -4.15
C LYS B 28 -5.91 -0.88 -4.32
N SER B 29 -5.09 -1.88 -4.58
CA SER B 29 -3.68 -1.64 -4.93
C SER B 29 -3.27 -2.55 -6.08
N GLN B 30 -4.03 -2.48 -7.16
CA GLN B 30 -3.71 -3.29 -8.33
C GLN B 30 -2.61 -2.66 -9.18
N SER B 31 -1.81 -3.53 -9.79
CA SER B 31 -0.66 -3.14 -10.61
C SER B 31 -0.87 -3.62 -12.04
N PRO B 32 -0.32 -2.91 -13.02
CA PRO B 32 0.55 -1.73 -12.94
C PRO B 32 -0.18 -0.39 -12.84
N ILE B 33 0.61 0.65 -12.61
CA ILE B 33 0.15 2.03 -12.61
C ILE B 33 1.18 2.87 -13.34
N ASN B 34 0.82 4.11 -13.63
CA ASN B 34 1.80 5.10 -14.05
C ASN B 34 2.42 5.73 -12.80
N ILE B 35 3.73 5.60 -12.67
CA ILE B 35 4.47 6.13 -11.54
C ILE B 35 4.77 7.62 -11.82
N GLU B 36 4.04 8.53 -11.17
CA GLU B 36 4.19 9.96 -11.48
C GLU B 36 4.29 10.84 -10.23
N HIS B 37 3.65 10.42 -9.14
CA HIS B 37 3.71 11.12 -7.87
C HIS B 37 4.53 10.31 -6.91
N TYR B 38 5.69 10.83 -6.50
CA TYR B 38 6.57 10.08 -5.61
C TYR B 38 7.43 11.00 -4.77
N TYR B 39 8.00 10.43 -3.72
CA TYR B 39 8.79 11.17 -2.75
C TYR B 39 10.26 10.79 -2.80
N HIS B 40 11.09 11.65 -2.24
CA HIS B 40 12.53 11.38 -2.17
C HIS B 40 12.98 11.31 -0.72
N THR B 41 14.06 10.56 -0.47
CA THR B 41 14.61 10.39 0.87
C THR B 41 16.13 10.37 0.83
N GLN B 42 16.75 10.79 1.93
CA GLN B 42 18.20 10.65 2.09
C GLN B 42 18.53 9.44 2.97
N ASP B 43 17.51 8.65 3.31
CA ASP B 43 17.74 7.47 4.14
C ASP B 43 18.69 6.48 3.47
N LYS B 44 19.42 5.74 4.29
CA LYS B 44 20.30 4.69 3.82
C LYS B 44 19.55 3.51 3.19
N ALA B 45 20.29 2.63 2.54
CA ALA B 45 19.68 1.51 1.81
C ALA B 45 19.06 0.49 2.75
N ASP B 46 18.03 -0.22 2.28
CA ASP B 46 17.50 -1.36 3.02
C ASP B 46 17.33 -2.59 2.13
N LEU B 47 18.04 -2.55 1.00
CA LEU B 47 17.99 -3.58 -0.02
C LEU B 47 19.41 -4.01 -0.38
N GLN B 48 19.66 -5.31 -0.30
CA GLN B 48 20.92 -5.89 -0.75
C GLN B 48 20.65 -7.09 -1.66
N PHE B 49 21.56 -7.34 -2.59
CA PHE B 49 21.42 -8.46 -3.51
C PHE B 49 22.39 -9.61 -3.18
N LYS B 50 21.87 -10.83 -3.28
CA LYS B 50 22.66 -12.05 -3.12
C LYS B 50 22.42 -12.94 -4.33
N TYR B 51 22.83 -12.43 -5.49
CA TYR B 51 22.67 -13.12 -6.76
C TYR B 51 23.99 -13.78 -7.19
N ALA B 52 23.88 -14.89 -7.89
CA ALA B 52 25.06 -15.56 -8.45
C ALA B 52 24.66 -16.23 -9.75
N ALA B 53 25.64 -16.44 -10.62
CA ALA B 53 25.38 -17.11 -11.89
C ALA B 53 24.72 -18.46 -11.64
N SER B 54 23.61 -18.74 -12.30
CA SER B 54 22.79 -19.89 -11.95
C SER B 54 22.19 -20.56 -13.17
N LYS B 55 22.31 -21.89 -13.24
CA LYS B 55 21.62 -22.66 -14.27
C LYS B 55 20.14 -22.78 -13.94
N PRO B 56 19.29 -22.29 -14.83
CA PRO B 56 17.83 -22.39 -14.63
C PRO B 56 17.37 -23.81 -14.34
N LYS B 57 16.36 -23.91 -13.49
CA LYS B 57 15.59 -25.12 -13.28
C LYS B 57 14.81 -25.46 -14.55
N ALA B 58 14.29 -24.41 -15.19
CA ALA B 58 13.51 -24.56 -16.41
C ALA B 58 13.49 -23.23 -17.15
N VAL B 59 13.46 -23.30 -18.47
CA VAL B 59 13.21 -22.12 -19.30
C VAL B 59 12.06 -22.50 -20.21
N PHE B 60 10.93 -21.82 -20.05
CA PHE B 60 9.69 -22.29 -20.68
C PHE B 60 8.63 -21.21 -20.82
N PHE B 61 7.67 -21.47 -21.70
CA PHE B 61 6.56 -20.56 -21.93
C PHE B 61 5.37 -20.96 -21.06
N THR B 62 4.84 -20.01 -20.30
CA THR B 62 3.75 -20.29 -19.37
C THR B 62 3.07 -18.97 -19.02
N HIS B 63 1.78 -19.00 -18.74
CA HIS B 63 1.05 -17.80 -18.32
C HIS B 63 1.34 -16.62 -19.26
N HIS B 64 1.43 -16.92 -20.56
CA HIS B 64 1.65 -15.94 -21.63
C HIS B 64 3.04 -15.30 -21.63
N THR B 65 3.95 -15.81 -20.83
CA THR B 65 5.27 -15.21 -20.74
C THR B 65 6.41 -16.22 -20.93
N LEU B 66 7.59 -15.69 -21.22
CA LEU B 66 8.81 -16.45 -21.25
C LEU B 66 9.45 -16.37 -19.86
N LYS B 67 9.65 -17.53 -19.23
CA LYS B 67 10.05 -17.59 -17.82
C LYS B 67 11.25 -18.50 -17.63
N ALA B 68 12.22 -18.02 -16.86
CA ALA B 68 13.33 -18.85 -16.39
C ALA B 68 13.14 -19.05 -14.89
N SER B 69 12.92 -20.28 -14.46
CA SER B 69 12.79 -20.54 -13.03
C SER B 69 14.14 -21.01 -12.49
N PHE B 70 14.38 -20.79 -11.20
CA PHE B 70 15.66 -21.10 -10.59
C PHE B 70 15.52 -21.95 -9.34
N GLU B 71 16.56 -22.73 -9.03
CA GLU B 71 16.65 -23.39 -7.75
C GLU B 71 16.77 -22.31 -6.69
N PRO B 72 16.30 -22.58 -5.46
CA PRO B 72 16.27 -21.55 -4.42
C PRO B 72 17.63 -21.17 -3.82
N THR B 73 18.51 -20.62 -4.63
CA THR B 73 19.86 -20.28 -4.18
C THR B 73 20.17 -18.80 -4.28
N ASN B 74 19.29 -18.03 -4.91
CA ASN B 74 19.49 -16.59 -5.03
C ASN B 74 18.47 -15.84 -4.20
N HIS B 75 18.91 -14.74 -3.61
CA HIS B 75 18.07 -13.96 -2.72
C HIS B 75 18.26 -12.48 -2.86
N ILE B 76 17.19 -11.76 -2.58
CA ILE B 76 17.27 -10.34 -2.28
C ILE B 76 17.06 -10.24 -0.78
N ASN B 77 17.80 -9.34 -0.14
CA ASN B 77 17.62 -9.11 1.29
C ASN B 77 17.02 -7.72 1.51
N TYR B 78 15.84 -7.71 2.12
CA TYR B 78 15.06 -6.49 2.24
C TYR B 78 14.56 -6.36 3.67
N ARG B 79 14.88 -5.24 4.30
CA ARG B 79 14.61 -5.05 5.74
C ARG B 79 15.25 -6.17 6.55
N GLY B 80 16.40 -6.64 6.07
CA GLY B 80 17.19 -7.64 6.79
C GLY B 80 16.78 -9.07 6.55
N HIS B 81 15.76 -9.28 5.72
CA HIS B 81 15.22 -10.63 5.50
C HIS B 81 15.44 -11.12 4.08
N ASP B 82 15.76 -12.41 3.92
CA ASP B 82 15.97 -12.97 2.59
C ASP B 82 14.66 -13.32 1.89
N TYR B 83 14.56 -12.91 0.63
CA TYR B 83 13.47 -13.32 -0.26
C TYR B 83 14.10 -14.10 -1.41
N VAL B 84 13.72 -15.36 -1.56
CA VAL B 84 14.35 -16.20 -2.58
C VAL B 84 13.79 -15.82 -3.96
N LEU B 85 14.70 -15.72 -4.92
CA LEU B 85 14.34 -15.52 -6.33
C LEU B 85 13.72 -16.79 -6.91
N ASP B 86 12.44 -16.74 -7.26
CA ASP B 86 11.77 -17.87 -7.85
C ASP B 86 11.96 -17.94 -9.34
N ASN B 87 11.75 -16.82 -10.02
CA ASN B 87 11.87 -16.80 -11.47
C ASN B 87 12.14 -15.40 -12.01
N VAL B 88 12.62 -15.36 -13.25
CA VAL B 88 12.65 -14.14 -14.04
C VAL B 88 11.74 -14.37 -15.23
N HIS B 89 10.82 -13.44 -15.50
CA HIS B 89 9.99 -13.58 -16.70
C HIS B 89 9.77 -12.21 -17.35
N PHE B 90 9.23 -12.21 -18.57
CA PHE B 90 9.21 -11.02 -19.40
C PHE B 90 7.82 -10.50 -19.72
N HIS B 91 7.74 -9.19 -19.90
CA HIS B 91 6.50 -8.55 -20.34
C HIS B 91 6.80 -7.64 -21.49
N ALA B 92 5.96 -7.70 -22.52
CA ALA B 92 6.08 -6.80 -23.67
C ALA B 92 4.74 -6.21 -24.03
N PRO B 93 4.63 -4.87 -24.03
CA PRO B 93 5.61 -3.91 -23.51
C PRO B 93 5.74 -3.98 -22.00
N MET B 94 6.66 -3.21 -21.46
CA MET B 94 6.78 -3.03 -20.02
C MET B 94 5.44 -2.61 -19.42
N GLU B 95 5.13 -3.12 -18.23
CA GLU B 95 3.82 -2.88 -17.63
C GLU B 95 3.72 -1.59 -16.82
N PHE B 96 4.69 -1.34 -15.96
CA PHE B 96 4.74 -0.06 -15.26
C PHE B 96 5.20 1.05 -16.20
N LEU B 97 4.52 2.18 -16.11
CA LEU B 97 4.97 3.40 -16.76
C LEU B 97 5.64 4.30 -15.73
N ILE B 98 6.64 5.05 -16.17
CA ILE B 98 7.32 6.02 -15.33
C ILE B 98 7.17 7.39 -15.97
N ASN B 99 6.44 8.28 -15.32
CA ASN B 99 6.07 9.57 -15.89
C ASN B 99 5.57 9.42 -17.33
N ASN B 100 4.66 8.47 -17.51
CA ASN B 100 3.95 8.23 -18.76
C ASN B 100 4.84 7.71 -19.89
N LYS B 101 6.04 7.24 -19.53
CA LYS B 101 6.95 6.64 -20.51
C LYS B 101 6.86 5.12 -20.49
N THR B 102 6.79 4.52 -21.68
CA THR B 102 6.76 3.08 -21.80
C THR B 102 8.10 2.56 -22.32
N ARG B 103 8.41 1.31 -22.01
CA ARG B 103 9.54 0.61 -22.61
C ARG B 103 9.00 -0.59 -23.38
N PRO B 104 9.72 -1.06 -24.40
CA PRO B 104 9.19 -2.15 -25.22
C PRO B 104 9.24 -3.52 -24.55
N LEU B 105 9.95 -3.62 -23.43
CA LEU B 105 10.13 -4.90 -22.76
C LEU B 105 10.52 -4.69 -21.32
N SER B 106 10.04 -5.55 -20.43
CA SER B 106 10.54 -5.54 -19.05
C SER B 106 10.75 -6.97 -18.57
N ALA B 107 11.58 -7.12 -17.54
CA ALA B 107 11.72 -8.38 -16.82
C ALA B 107 11.21 -8.18 -15.40
N HIS B 108 10.53 -9.20 -14.90
CA HIS B 108 10.13 -9.26 -13.51
C HIS B 108 10.97 -10.30 -12.81
N PHE B 109 11.66 -9.89 -11.74
CA PHE B 109 12.38 -10.81 -10.87
C PHE B 109 11.46 -11.07 -9.66
N VAL B 110 10.91 -12.28 -9.57
CA VAL B 110 9.89 -12.58 -8.58
C VAL B 110 10.50 -13.29 -7.36
N HIS B 111 10.29 -12.72 -6.16
CA HIS B 111 10.85 -13.27 -4.93
C HIS B 111 9.79 -13.56 -3.85
N LYS B 112 10.14 -14.43 -2.91
CA LYS B 112 9.24 -14.78 -1.84
C LYS B 112 10.05 -15.04 -0.58
N ASP B 113 9.61 -14.52 0.56
CA ASP B 113 10.35 -14.81 1.79
C ASP B 113 9.77 -16.05 2.46
N ALA B 114 10.33 -16.41 3.62
CA ALA B 114 9.90 -17.61 4.32
C ALA B 114 8.43 -17.53 4.73
N LYS B 115 7.91 -16.32 4.90
CA LYS B 115 6.51 -16.12 5.29
C LYS B 115 5.55 -16.14 4.10
N GLY B 116 6.10 -16.22 2.90
CA GLY B 116 5.32 -16.26 1.68
C GLY B 116 5.00 -14.89 1.10
N ARG B 117 5.62 -13.85 1.63
CA ARG B 117 5.39 -12.48 1.16
C ARG B 117 6.19 -12.21 -0.11
N LEU B 118 5.52 -11.55 -1.07
CA LEU B 118 6.05 -11.34 -2.42
C LEU B 118 6.81 -10.04 -2.57
N LEU B 119 7.95 -10.13 -3.26
CA LEU B 119 8.74 -8.96 -3.60
C LEU B 119 9.09 -9.08 -5.08
N VAL B 120 8.71 -8.09 -5.87
CA VAL B 120 9.00 -8.17 -7.30
C VAL B 120 9.78 -6.95 -7.75
N LEU B 121 10.88 -7.23 -8.43
CA LEU B 121 11.70 -6.19 -9.04
C LEU B 121 11.39 -6.16 -10.53
N ALA B 122 11.05 -4.98 -11.02
CA ALA B 122 10.80 -4.79 -12.45
C ALA B 122 11.88 -3.92 -13.07
N ILE B 123 12.35 -4.30 -14.25
CA ILE B 123 13.30 -3.44 -14.94
C ILE B 123 13.03 -3.47 -16.44
N GLY B 124 13.06 -2.30 -17.05
CA GLY B 124 12.77 -2.19 -18.47
C GLY B 124 14.00 -2.34 -19.34
N PHE B 125 13.75 -2.54 -20.63
CA PHE B 125 14.78 -2.60 -21.66
C PHE B 125 14.51 -1.55 -22.71
N GLU B 126 15.59 -0.95 -23.20
CA GLU B 126 15.51 -0.06 -24.34
C GLU B 126 16.28 -0.67 -25.50
N GLU B 127 15.70 -0.57 -26.69
CA GLU B 127 16.30 -1.11 -27.90
C GLU B 127 17.67 -0.48 -28.12
N GLY B 128 18.67 -1.32 -28.35
CA GLY B 128 20.04 -0.83 -28.40
C GLY B 128 21.01 -1.94 -28.72
N LYS B 129 22.07 -2.03 -27.92
CA LYS B 129 23.09 -3.04 -28.17
C LYS B 129 22.66 -4.40 -27.68
N GLU B 130 23.28 -5.43 -28.25
CA GLU B 130 23.10 -6.79 -27.78
C GLU B 130 23.42 -6.93 -26.31
N ASN B 131 22.53 -7.59 -25.60
CA ASN B 131 22.72 -7.86 -24.18
C ASN B 131 23.06 -9.33 -23.98
N PRO B 132 24.34 -9.64 -23.72
CA PRO B 132 24.70 -11.05 -23.65
C PRO B 132 24.07 -11.77 -22.45
N ASN B 133 23.58 -11.02 -21.48
CA ASN B 133 22.91 -11.62 -20.33
C ASN B 133 21.61 -12.36 -20.69
N LEU B 134 21.03 -12.01 -21.83
CA LEU B 134 19.79 -12.63 -22.27
C LEU B 134 20.00 -13.93 -23.04
N ASP B 135 21.20 -14.13 -23.57
CA ASP B 135 21.44 -15.24 -24.47
C ASP B 135 21.23 -16.63 -23.85
N PRO B 136 21.65 -16.85 -22.60
CA PRO B 136 21.32 -18.16 -22.02
C PRO B 136 19.82 -18.44 -21.91
N ILE B 137 19.01 -17.40 -21.77
CA ILE B 137 17.56 -17.58 -21.73
C ILE B 137 16.97 -17.87 -23.12
N LEU B 138 17.45 -17.14 -24.12
CA LEU B 138 16.99 -17.33 -25.49
C LEU B 138 17.45 -18.69 -26.03
N GLU B 139 18.67 -19.04 -25.67
CA GLU B 139 19.23 -20.33 -26.08
C GLU B 139 18.56 -21.48 -25.32
N GLY B 140 18.12 -21.19 -24.08
CA GLY B 140 17.51 -22.21 -23.24
C GLY B 140 16.07 -22.57 -23.55
N ILE B 141 15.29 -21.64 -24.09
CA ILE B 141 13.89 -21.89 -24.40
C ILE B 141 13.77 -22.84 -25.60
N GLN B 142 14.63 -22.66 -26.58
CA GLN B 142 14.58 -23.48 -27.79
C GLN B 142 15.37 -24.76 -27.61
N LYS B 143 15.92 -24.93 -26.42
CA LYS B 143 16.65 -26.15 -26.09
C LYS B 143 15.84 -27.03 -25.15
N LYS B 144 15.96 -28.33 -25.36
CA LYS B 144 15.36 -29.35 -24.52
C LYS B 144 15.48 -29.03 -23.04
N GLN B 145 16.73 -29.02 -22.58
CA GLN B 145 17.05 -28.84 -21.19
C GLN B 145 18.51 -28.41 -21.06
N ASN B 146 19.26 -29.09 -20.19
CA ASN B 146 20.63 -28.71 -19.80
C ASN B 146 20.93 -27.23 -19.99
N PHE B 147 20.11 -26.39 -19.35
CA PHE B 147 20.16 -24.95 -19.53
C PHE B 147 21.48 -24.34 -19.04
N LYS B 148 22.01 -23.39 -19.81
CA LYS B 148 23.26 -22.70 -19.49
C LYS B 148 23.06 -21.69 -18.35
N GLU B 149 24.14 -21.34 -17.66
CA GLU B 149 24.09 -20.37 -16.57
C GLU B 149 23.52 -19.03 -17.01
N VAL B 150 22.59 -18.49 -16.22
CA VAL B 150 22.19 -17.09 -16.38
C VAL B 150 23.01 -16.25 -15.41
N ALA B 151 23.63 -15.19 -15.92
CA ALA B 151 24.54 -14.36 -15.15
C ALA B 151 23.77 -13.36 -14.28
N LEU B 152 23.03 -13.89 -13.31
CA LEU B 152 22.16 -13.04 -12.49
C LEU B 152 22.89 -11.89 -11.79
N ASP B 153 24.14 -12.13 -11.42
CA ASP B 153 24.95 -11.11 -10.75
C ASP B 153 25.62 -10.10 -11.69
N ALA B 154 25.25 -10.12 -12.97
CA ALA B 154 25.77 -9.15 -13.92
C ALA B 154 24.63 -8.49 -14.70
N PHE B 155 23.42 -8.92 -14.39
CA PHE B 155 22.21 -8.54 -15.11
C PHE B 155 21.84 -7.07 -14.88
N LEU B 156 21.89 -6.63 -13.61
CA LEU B 156 21.54 -5.26 -13.29
C LEU B 156 22.77 -4.37 -13.21
N PRO B 157 22.58 -3.05 -13.33
CA PRO B 157 23.76 -2.19 -13.15
C PRO B 157 24.19 -2.14 -11.68
N LYS B 158 25.39 -1.62 -11.44
CA LYS B 158 25.96 -1.56 -10.10
C LYS B 158 25.10 -0.74 -9.14
N SER B 159 24.69 0.42 -9.63
CA SER B 159 23.84 1.31 -8.86
C SER B 159 22.49 1.38 -9.54
N ILE B 160 21.44 1.22 -8.75
CA ILE B 160 20.09 1.37 -9.27
C ILE B 160 19.35 2.41 -8.46
N ASN B 161 18.43 3.08 -9.13
CA ASN B 161 17.42 3.88 -8.46
C ASN B 161 16.10 3.24 -8.80
N TYR B 162 15.21 3.14 -7.83
CA TYR B 162 13.95 2.46 -8.08
C TYR B 162 12.79 3.12 -7.37
N TYR B 163 11.59 2.90 -7.90
CA TYR B 163 10.35 3.34 -7.27
C TYR B 163 9.78 2.21 -6.44
N HIS B 164 9.44 2.52 -5.19
CA HIS B 164 9.12 1.50 -4.20
C HIS B 164 7.75 1.80 -3.61
N PHE B 165 6.88 0.80 -3.63
CA PHE B 165 5.47 1.00 -3.26
C PHE B 165 4.79 -0.36 -3.16
N ASN B 166 3.57 -0.38 -2.62
CA ASN B 166 2.81 -1.62 -2.51
C ASN B 166 1.82 -1.73 -3.66
N GLY B 167 1.71 -2.93 -4.19
CA GLY B 167 0.79 -3.18 -5.29
C GLY B 167 0.38 -4.64 -5.35
N SER B 168 0.31 -5.18 -6.56
CA SER B 168 -0.25 -6.51 -6.78
C SER B 168 0.54 -7.25 -7.85
N LEU B 169 0.31 -8.54 -7.97
CA LEU B 169 0.73 -9.24 -9.18
C LEU B 169 0.01 -8.63 -10.36
N THR B 170 0.65 -8.63 -11.53
CA THR B 170 0.03 -8.06 -12.70
C THR B 170 -0.69 -9.09 -13.59
N ALA B 171 -0.79 -10.32 -13.13
CA ALA B 171 -1.54 -11.35 -13.82
C ALA B 171 -2.37 -12.10 -12.80
N PRO B 172 -3.44 -12.78 -13.25
CA PRO B 172 -4.22 -13.55 -12.27
C PRO B 172 -3.33 -14.50 -11.50
N PRO B 173 -3.60 -14.68 -10.19
CA PRO B 173 -4.78 -14.17 -9.46
C PRO B 173 -4.69 -12.73 -8.90
N CYS B 174 -3.75 -11.92 -9.37
CA CYS B 174 -3.69 -10.48 -9.04
C CYS B 174 -3.49 -10.24 -7.55
N THR B 175 -2.85 -11.18 -6.87
CA THR B 175 -2.71 -11.12 -5.42
C THR B 175 -2.03 -9.84 -4.98
N GLU B 176 -2.57 -9.19 -3.95
CA GLU B 176 -1.94 -7.99 -3.42
C GLU B 176 -0.93 -8.35 -2.34
N GLY B 177 -0.49 -7.36 -1.56
CA GLY B 177 0.57 -7.57 -0.60
C GLY B 177 1.96 -7.57 -1.20
N VAL B 178 2.07 -7.15 -2.46
CA VAL B 178 3.36 -7.16 -3.17
C VAL B 178 4.15 -5.88 -2.90
N ALA B 179 5.43 -6.06 -2.58
CA ALA B 179 6.37 -4.94 -2.50
C ALA B 179 7.06 -4.83 -3.85
N TRP B 180 6.83 -3.72 -4.54
CA TRP B 180 7.38 -3.49 -5.86
C TRP B 180 8.63 -2.65 -5.80
N PHE B 181 9.57 -3.01 -6.67
CA PHE B 181 10.82 -2.30 -6.87
C PHE B 181 10.95 -2.07 -8.37
N VAL B 182 10.58 -0.89 -8.83
CA VAL B 182 10.60 -0.63 -10.27
C VAL B 182 11.82 0.21 -10.63
N VAL B 183 12.77 -0.43 -11.30
CA VAL B 183 14.06 0.22 -11.54
C VAL B 183 13.93 1.28 -12.64
N GLU B 184 14.57 2.43 -12.42
CA GLU B 184 14.48 3.56 -13.33
C GLU B 184 15.36 3.41 -14.59
N GLU B 185 16.60 2.99 -14.39
CA GLU B 185 17.55 2.76 -15.47
C GLU B 185 17.15 1.56 -16.34
N PRO B 186 17.11 1.74 -17.67
CA PRO B 186 16.82 0.60 -18.54
C PRO B 186 18.07 -0.23 -18.84
N LEU B 187 17.87 -1.53 -19.06
CA LEU B 187 18.90 -2.37 -19.69
C LEU B 187 18.81 -2.26 -21.19
N GLU B 188 19.83 -2.76 -21.85
CA GLU B 188 19.84 -2.79 -23.30
C GLU B 188 19.32 -4.11 -23.83
N VAL B 189 18.76 -4.09 -25.03
CA VAL B 189 18.37 -5.28 -25.76
C VAL B 189 18.53 -4.95 -27.24
N SER B 190 19.01 -5.88 -28.04
CA SER B 190 19.12 -5.59 -29.47
C SER B 190 17.77 -5.73 -30.15
N ALA B 191 17.62 -5.14 -31.34
CA ALA B 191 16.42 -5.37 -32.13
C ALA B 191 16.19 -6.86 -32.36
N LYS B 192 17.25 -7.61 -32.62
CA LYS B 192 17.14 -9.04 -32.90
C LYS B 192 16.66 -9.79 -31.66
N GLN B 193 17.28 -9.52 -30.52
CA GLN B 193 16.87 -10.15 -29.29
C GLN B 193 15.44 -9.80 -28.92
N LEU B 194 15.05 -8.55 -29.14
CA LEU B 194 13.71 -8.09 -28.79
C LEU B 194 12.66 -8.83 -29.62
N ALA B 195 12.91 -8.94 -30.92
CA ALA B 195 12.05 -9.72 -31.79
C ALA B 195 11.99 -11.18 -31.37
N GLU B 196 13.13 -11.75 -31.02
CA GLU B 196 13.18 -13.15 -30.65
C GLU B 196 12.38 -13.42 -29.36
N ILE B 197 12.52 -12.55 -28.38
CA ILE B 197 11.78 -12.71 -27.11
C ILE B 197 10.29 -12.56 -27.36
N LYS B 198 9.91 -11.57 -28.16
CA LYS B 198 8.50 -11.36 -28.44
C LYS B 198 7.92 -12.56 -29.16
N LYS B 199 8.71 -13.15 -30.06
CA LYS B 199 8.23 -14.32 -30.80
C LYS B 199 8.06 -15.53 -29.88
N ARG B 200 8.95 -15.66 -28.90
CA ARG B 200 8.82 -16.74 -27.91
C ARG B 200 7.57 -16.53 -27.06
N MET B 201 7.13 -15.28 -26.93
CA MET B 201 5.88 -14.98 -26.26
C MET B 201 4.75 -14.81 -27.28
N LYS B 202 4.90 -15.51 -28.40
CA LYS B 202 3.82 -15.68 -29.40
C LYS B 202 3.42 -14.39 -30.12
N ASN B 203 4.31 -13.40 -30.14
CA ASN B 203 4.02 -12.09 -30.71
C ASN B 203 2.66 -11.58 -30.26
N SER B 204 2.38 -11.82 -28.98
CA SER B 204 1.10 -11.50 -28.36
C SER B 204 1.42 -10.70 -27.10
N PRO B 205 1.19 -9.37 -27.13
CA PRO B 205 1.47 -8.52 -25.97
C PRO B 205 0.95 -9.12 -24.68
N ASN B 206 1.75 -9.10 -23.62
CA ASN B 206 1.32 -9.62 -22.33
C ASN B 206 1.52 -8.55 -21.26
N GLN B 207 0.95 -7.39 -21.57
CA GLN B 207 1.02 -6.19 -20.75
C GLN B 207 -0.36 -5.90 -20.16
N ARG B 208 -0.51 -5.99 -18.84
CA ARG B 208 -1.77 -5.64 -18.23
C ARG B 208 -1.96 -4.13 -18.31
N PRO B 209 -3.17 -3.68 -18.65
CA PRO B 209 -3.41 -2.23 -18.68
C PRO B 209 -3.23 -1.59 -17.30
N VAL B 210 -2.91 -0.30 -17.26
CA VAL B 210 -2.77 0.36 -15.96
C VAL B 210 -4.11 0.33 -15.23
N GLN B 211 -4.02 0.15 -13.91
CA GLN B 211 -5.16 -0.05 -13.04
C GLN B 211 -5.42 1.22 -12.23
N PRO B 212 -6.64 1.33 -11.67
CA PRO B 212 -6.95 2.52 -10.85
C PRO B 212 -5.94 2.69 -9.72
N ASP B 213 -5.49 3.92 -9.52
CA ASP B 213 -4.50 4.21 -8.50
C ASP B 213 -5.15 4.97 -7.35
N TYR B 214 -5.24 4.31 -6.21
CA TYR B 214 -5.83 4.91 -5.01
C TYR B 214 -4.76 5.58 -4.16
N ASN B 215 -4.19 6.65 -4.70
CA ASN B 215 -3.16 7.42 -4.00
C ASN B 215 -1.96 6.57 -3.55
N THR B 216 -1.47 5.71 -4.43
CA THR B 216 -0.34 4.85 -4.05
C THR B 216 0.82 5.68 -3.55
N VAL B 217 1.32 5.38 -2.36
CA VAL B 217 2.47 6.06 -1.79
C VAL B 217 3.75 5.43 -2.34
N ILE B 218 4.58 6.25 -2.98
CA ILE B 218 5.75 5.78 -3.72
C ILE B 218 6.99 6.51 -3.25
N ILE B 219 8.00 5.76 -2.82
CA ILE B 219 9.27 6.39 -2.43
C ILE B 219 10.33 6.03 -3.47
N LYS B 220 11.10 7.03 -3.90
CA LYS B 220 12.21 6.79 -4.83
C LYS B 220 13.45 6.48 -3.99
N ARG B 221 14.15 5.43 -4.37
CA ARG B 221 15.20 4.83 -3.54
C ARG B 221 16.40 4.47 -4.38
N SER B 222 17.53 4.27 -3.72
CA SER B 222 18.70 3.74 -4.40
C SER B 222 19.23 2.52 -3.69
N ALA B 223 19.92 1.67 -4.44
CA ALA B 223 20.64 0.57 -3.85
C ALA B 223 21.83 0.19 -4.73
N GLU B 224 22.79 -0.49 -4.12
CA GLU B 224 23.92 -1.08 -4.84
C GLU B 224 23.63 -2.57 -5.00
N THR B 225 23.82 -3.09 -6.20
CA THR B 225 23.51 -4.48 -6.49
C THR B 225 24.73 -5.37 -6.29
N ARG B 226 25.86 -4.74 -5.97
CA ARG B 226 27.09 -5.46 -5.65
C ARG B 226 27.73 -4.92 -4.38
#